data_2LJJ
#
_entry.id   2LJJ
#
_entity_poly.entity_id   1
_entity_poly.type   'polyribonucleotide'
_entity_poly.pdbx_seq_one_letter_code
;GGCCUCAGCACUACCCCAGUGUAGGUC
;
_entity_poly.pdbx_strand_id   A
#
loop_
_chem_comp.id
_chem_comp.type
_chem_comp.name
_chem_comp.formula
A RNA linking ADENOSINE-5'-MONOPHOSPHATE 'C10 H14 N5 O7 P'
C RNA linking CYTIDINE-5'-MONOPHOSPHATE 'C9 H14 N3 O8 P'
G RNA linking GUANOSINE-5'-MONOPHOSPHATE 'C10 H14 N5 O8 P'
U RNA linking URIDINE-5'-MONOPHOSPHATE 'C9 H13 N2 O9 P'
#